data_9L8I
#
_entry.id   9L8I
#
_cell.length_a   41.791
_cell.length_b   87.184
_cell.length_c   93.75
_cell.angle_alpha   90
_cell.angle_beta   90
_cell.angle_gamma   90
#
_symmetry.space_group_name_H-M   'P 21 21 21'
#
loop_
_entity.id
_entity.type
_entity.pdbx_description
1 polymer 'Cellobiose 2-epimerase'
2 branched beta-D-mannopyranose-(1-4)-beta-D-mannopyranose
3 non-polymer 'CHLORIDE ION'
4 non-polymer 'PHOSPHATE ION'
5 water water
#
_entity_poly.entity_id   1
_entity_poly.type   'polypeptide(L)'
_entity_poly.pdbx_seq_one_letter_code
;VSTETIPDVRRLRALQAEVHEELTENILKFWATRTPDPVHGGFVGRVGPDGRPHPEAPRGAILNARILWTFAAAYRQLGT
PLYREMAERAYRYFVRHFVDAEHGGVYWMVAADGRPLDTRKHVYAQSFAIYALSEWHRATGGEAALALARSIYDLIETHC
ADRVHGGYVEACDRAWRPLEDARLSAKDAPEPRSMNTHLHVLEAYANLYRVWPETELAARLQALIELFLRAIYHPATGHL
ILFFDERWRPRSRAVSFGHDIEASWLLLEAVDVLGQATLRPRVQQASLHLARATLAEGRAPDGSLYYEIGEQGHLDTDRH
WWPQAEALVGFLNAYQESGEVLFYEAAEDVWRYIRERQRDTRGGEWFARVRDDGAPYPDDKVDFWKGPYHNGRACLEAIQ
RLRHLLEHVRSR
;
_entity_poly.pdbx_strand_id   A
#
# COMPACT_ATOMS: atom_id res chain seq x y z
N THR A 3 5.06 -4.46 -33.39
CA THR A 3 3.84 -5.25 -33.28
C THR A 3 3.12 -4.97 -31.96
N GLU A 4 3.46 -3.85 -31.34
CA GLU A 4 2.74 -3.42 -30.16
C GLU A 4 1.31 -3.05 -30.50
N THR A 5 0.41 -3.29 -29.54
CA THR A 5 -0.92 -2.72 -29.59
C THR A 5 -0.98 -1.68 -28.48
N ILE A 6 -0.96 -0.41 -28.86
CA ILE A 6 -0.82 0.69 -27.92
C ILE A 6 -2.00 1.63 -28.14
N PRO A 7 -2.70 2.03 -27.09
CA PRO A 7 -3.69 3.10 -27.23
C PRO A 7 -3.05 4.32 -27.86
N ASP A 8 -3.86 5.07 -28.60
CA ASP A 8 -3.26 6.20 -29.29
C ASP A 8 -2.89 7.28 -28.29
N VAL A 9 -2.13 8.26 -28.79
CA VAL A 9 -1.54 9.26 -27.93
C VAL A 9 -2.62 10.09 -27.26
N ARG A 10 -3.70 10.38 -27.97
CA ARG A 10 -4.79 11.16 -27.37
C ARG A 10 -5.33 10.47 -26.13
N ARG A 11 -5.55 9.17 -26.22
CA ARG A 11 -6.14 8.45 -25.08
C ARG A 11 -5.18 8.35 -23.92
N LEU A 12 -3.92 8.01 -24.20
CA LEU A 12 -2.91 7.96 -23.14
C LEU A 12 -2.79 9.30 -22.42
N ARG A 13 -2.67 10.38 -23.20
CA ARG A 13 -2.53 11.71 -22.61
C ARG A 13 -3.80 12.14 -21.87
N ALA A 14 -4.98 11.79 -22.40
CA ALA A 14 -6.21 12.16 -21.72
C ALA A 14 -6.33 11.48 -20.38
N LEU A 15 -6.05 10.17 -20.34
CA LEU A 15 -6.04 9.46 -19.06
C LEU A 15 -5.00 10.07 -18.12
N GLN A 16 -3.79 10.32 -18.62
CA GLN A 16 -2.75 10.85 -17.76
C GLN A 16 -3.16 12.19 -17.17
N ALA A 17 -3.81 13.03 -17.97
CA ALA A 17 -4.25 14.33 -17.49
C ALA A 17 -5.33 14.21 -16.41
N GLU A 18 -6.29 13.30 -16.63
CA GLU A 18 -7.34 13.09 -15.63
C GLU A 18 -6.75 12.57 -14.33
N VAL A 19 -5.80 11.65 -14.43
CA VAL A 19 -5.17 11.11 -13.23
C VAL A 19 -4.42 12.21 -12.48
N HIS A 20 -3.66 13.03 -13.21
CA HIS A 20 -2.96 14.12 -12.57
C HIS A 20 -3.92 15.10 -11.91
N GLU A 21 -5.03 15.40 -12.58
CA GLU A 21 -6.02 16.31 -12.00
C GLU A 21 -6.63 15.70 -10.75
N GLU A 22 -6.95 14.41 -10.80
CA GLU A 22 -7.51 13.75 -9.63
C GLU A 22 -6.55 13.82 -8.46
N LEU A 23 -5.28 13.51 -8.72
CA LEU A 23 -4.29 13.52 -7.64
C LEU A 23 -4.12 14.91 -7.05
N THR A 24 -3.91 15.92 -7.89
CA THR A 24 -3.52 17.22 -7.38
C THR A 24 -4.72 18.08 -7.01
N GLU A 25 -5.81 18.00 -7.75
CA GLU A 25 -6.94 18.88 -7.48
C GLU A 25 -7.97 18.27 -6.57
N ASN A 26 -7.95 16.94 -6.38
CA ASN A 26 -8.87 16.31 -5.44
C ASN A 26 -8.10 15.72 -4.26
N ILE A 27 -7.34 14.64 -4.48
CA ILE A 27 -6.76 13.88 -3.36
C ILE A 27 -5.80 14.73 -2.53
N LEU A 28 -4.72 15.23 -3.14
CA LEU A 28 -3.74 15.92 -2.32
C LEU A 28 -4.27 17.27 -1.80
N LYS A 29 -5.20 17.88 -2.52
CA LYS A 29 -5.80 19.11 -2.04
C LYS A 29 -6.61 18.85 -0.77
N PHE A 30 -7.40 17.78 -0.78
CA PHE A 30 -8.13 17.38 0.41
C PHE A 30 -7.17 17.17 1.58
N TRP A 31 -6.12 16.39 1.37
CA TRP A 31 -5.23 16.05 2.48
C TRP A 31 -4.49 17.28 2.99
N ALA A 32 -4.07 18.16 2.08
CA ALA A 32 -3.29 19.32 2.51
C ALA A 32 -4.16 20.37 3.20
N THR A 33 -5.45 20.41 2.89
CA THR A 33 -6.30 21.45 3.48
C THR A 33 -7.16 20.98 4.63
N ARG A 34 -7.63 19.73 4.60
CA ARG A 34 -8.58 19.28 5.61
C ARG A 34 -7.92 18.60 6.80
N THR A 35 -6.75 18.02 6.62
CA THR A 35 -6.26 17.15 7.69
C THR A 35 -5.11 17.68 8.54
N PRO A 36 -4.31 18.68 8.14
CA PRO A 36 -3.30 19.20 9.08
C PRO A 36 -3.97 19.73 10.33
N ASP A 37 -3.37 19.45 11.48
CA ASP A 37 -3.93 19.85 12.76
C ASP A 37 -3.06 20.93 13.39
N PRO A 38 -3.56 22.16 13.55
CA PRO A 38 -2.76 23.20 14.20
C PRO A 38 -2.79 23.15 15.73
N VAL A 39 -3.59 22.28 16.33
CA VAL A 39 -3.60 22.19 17.80
C VAL A 39 -2.45 21.31 18.29
N HIS A 40 -2.39 20.06 17.83
CA HIS A 40 -1.36 19.13 18.26
C HIS A 40 -0.23 18.97 17.26
N GLY A 41 -0.27 19.71 16.15
CA GLY A 41 0.69 19.48 15.09
C GLY A 41 0.31 18.24 14.29
N GLY A 42 1.07 17.99 13.25
CA GLY A 42 0.84 16.79 12.46
C GLY A 42 -0.52 16.82 11.79
N PHE A 43 -1.20 15.67 11.83
CA PHE A 43 -2.42 15.47 11.04
C PHE A 43 -3.48 14.79 11.90
N VAL A 44 -4.75 15.13 11.63
CA VAL A 44 -5.84 14.51 12.39
C VAL A 44 -5.88 13.00 12.13
N GLY A 45 -6.37 12.27 13.13
CA GLY A 45 -6.51 10.84 13.01
C GLY A 45 -7.78 10.36 12.38
N ARG A 46 -8.75 11.25 12.21
CA ARG A 46 -10.07 10.88 11.72
C ARG A 46 -10.71 12.09 11.05
N VAL A 47 -11.37 11.85 9.93
CA VAL A 47 -12.27 12.82 9.31
C VAL A 47 -13.58 12.08 9.06
N GLY A 48 -14.69 12.63 9.58
CA GLY A 48 -15.97 11.96 9.50
C GLY A 48 -16.52 11.93 8.09
N PRO A 49 -17.64 11.25 7.89
CA PRO A 49 -18.26 11.24 6.56
C PRO A 49 -18.76 12.60 6.13
N ASP A 50 -19.02 13.49 7.09
CA ASP A 50 -19.42 14.86 6.78
C ASP A 50 -18.23 15.77 6.47
N GLY A 51 -17.03 15.22 6.45
CA GLY A 51 -15.85 16.02 6.22
C GLY A 51 -15.30 16.73 7.44
N ARG A 52 -15.86 16.53 8.60
CA ARG A 52 -15.36 17.23 9.79
C ARG A 52 -14.11 16.53 10.32
N PRO A 53 -13.01 17.25 10.48
CA PRO A 53 -11.81 16.63 11.06
C PRO A 53 -11.92 16.52 12.56
N HIS A 54 -11.22 15.54 13.12
CA HIS A 54 -11.29 15.26 14.55
C HIS A 54 -9.87 15.32 15.12
N PRO A 55 -9.39 16.51 15.46
CA PRO A 55 -8.00 16.63 15.92
C PRO A 55 -7.75 15.98 17.27
N GLU A 56 -8.78 15.60 18.02
CA GLU A 56 -8.53 14.92 19.29
C GLU A 56 -8.59 13.40 19.17
N ALA A 57 -8.90 12.87 17.99
CA ALA A 57 -8.98 11.42 17.82
C ALA A 57 -7.60 10.79 17.93
N PRO A 58 -7.51 9.56 18.45
CA PRO A 58 -6.24 8.84 18.47
C PRO A 58 -5.69 8.71 17.05
N ARG A 59 -4.37 8.62 16.95
CA ARG A 59 -3.70 8.70 15.66
C ARG A 59 -2.85 7.46 15.45
N GLY A 60 -3.04 6.82 14.30
CA GLY A 60 -2.34 5.58 14.01
C GLY A 60 -1.03 5.79 13.28
N ALA A 61 -0.06 4.94 13.60
CA ALA A 61 1.25 5.02 12.95
C ALA A 61 1.15 4.75 11.46
N ILE A 62 0.32 3.78 11.08
CA ILE A 62 0.17 3.44 9.67
C ILE A 62 -0.36 4.65 8.90
N LEU A 63 -1.40 5.29 9.43
CA LEU A 63 -1.96 6.45 8.75
C LEU A 63 -0.90 7.53 8.59
N ASN A 64 -0.14 7.80 9.66
CA ASN A 64 0.80 8.91 9.60
C ASN A 64 1.98 8.59 8.70
N ALA A 65 2.43 7.34 8.70
CA ALA A 65 3.44 6.91 7.74
C ALA A 65 2.92 7.05 6.32
N ARG A 66 1.64 6.75 6.12
CA ARG A 66 1.07 6.85 4.78
C ARG A 66 1.01 8.30 4.33
N ILE A 67 0.70 9.22 5.25
CA ILE A 67 0.72 10.63 4.90
C ILE A 67 2.13 11.05 4.51
N LEU A 68 3.11 10.65 5.32
CA LEU A 68 4.51 10.97 5.02
C LEU A 68 4.91 10.42 3.65
N TRP A 69 4.62 9.13 3.42
CA TRP A 69 5.05 8.54 2.16
C TRP A 69 4.44 9.27 0.98
N THR A 70 3.15 9.59 1.06
CA THR A 70 2.44 10.10 -0.10
C THR A 70 2.91 11.50 -0.46
N PHE A 71 3.01 12.39 0.52
CA PHE A 71 3.51 13.72 0.24
C PHE A 71 4.98 13.69 -0.17
N ALA A 72 5.78 12.79 0.42
CA ALA A 72 7.17 12.65 0.02
C ALA A 72 7.27 12.21 -1.44
N ALA A 73 6.47 11.21 -1.82
CA ALA A 73 6.53 10.71 -3.18
C ALA A 73 5.98 11.73 -4.16
N ALA A 74 4.91 12.44 -3.77
CA ALA A 74 4.36 13.46 -4.65
C ALA A 74 5.34 14.62 -4.81
N TYR A 75 6.02 15.02 -3.73
CA TYR A 75 7.04 16.04 -3.87
C TYR A 75 8.16 15.57 -4.80
N ARG A 76 8.64 14.35 -4.60
CA ARG A 76 9.71 13.84 -5.44
C ARG A 76 9.31 13.86 -6.92
N GLN A 77 8.10 13.41 -7.21
CA GLN A 77 7.73 13.25 -8.62
C GLN A 77 7.21 14.55 -9.24
N LEU A 78 6.56 15.42 -8.46
CA LEU A 78 5.93 16.59 -9.04
C LEU A 78 6.58 17.91 -8.65
N GLY A 79 7.34 17.95 -7.56
CA GLY A 79 8.11 19.13 -7.22
C GLY A 79 7.37 20.20 -6.45
N THR A 80 6.06 20.06 -6.27
CA THR A 80 5.25 21.12 -5.67
C THR A 80 5.67 21.42 -4.24
N PRO A 81 6.05 22.65 -3.91
CA PRO A 81 6.62 22.91 -2.58
C PRO A 81 5.68 22.55 -1.44
N LEU A 82 4.37 22.77 -1.62
CA LEU A 82 3.40 22.39 -0.60
C LEU A 82 3.53 20.92 -0.20
N TYR A 83 3.87 20.05 -1.15
CA TYR A 83 4.00 18.63 -0.81
C TYR A 83 5.20 18.39 0.09
N ARG A 84 6.30 19.09 -0.15
CA ARG A 84 7.44 18.96 0.75
C ARG A 84 7.06 19.48 2.13
N GLU A 85 6.30 20.57 2.19
CA GLU A 85 5.89 21.14 3.48
C GLU A 85 5.03 20.16 4.27
N MET A 86 4.11 19.49 3.57
CA MET A 86 3.22 18.54 4.23
C MET A 86 3.98 17.29 4.65
N ALA A 87 4.90 16.83 3.82
CA ALA A 87 5.70 15.68 4.22
C ALA A 87 6.57 16.01 5.42
N GLU A 88 7.15 17.20 5.46
CA GLU A 88 7.94 17.63 6.61
C GLU A 88 7.09 17.68 7.87
N ARG A 89 5.85 18.18 7.74
CA ARG A 89 4.94 18.22 8.87
C ARG A 89 4.68 16.82 9.40
N ALA A 90 4.45 15.88 8.49
CA ALA A 90 4.20 14.51 8.90
C ALA A 90 5.45 13.91 9.53
N TYR A 91 6.61 14.15 8.92
CA TYR A 91 7.87 13.60 9.41
C TYR A 91 8.15 14.07 10.83
N ARG A 92 7.99 15.37 11.09
CA ARG A 92 8.35 15.87 12.41
C ARG A 92 7.45 15.28 13.50
N TYR A 93 6.15 15.22 13.26
CA TYR A 93 5.27 14.59 14.24
C TYR A 93 5.63 13.12 14.42
N PHE A 94 5.95 12.44 13.31
CA PHE A 94 6.24 11.02 13.35
C PHE A 94 7.44 10.72 14.23
N VAL A 95 8.52 11.48 14.04
CA VAL A 95 9.76 11.22 14.78
C VAL A 95 9.57 11.58 16.25
N ARG A 96 8.86 12.66 16.52
CA ARG A 96 8.60 13.13 17.89
C ARG A 96 7.82 12.09 18.69
N HIS A 97 6.76 11.53 18.11
CA HIS A 97 5.75 10.83 18.89
C HIS A 97 5.62 9.37 18.54
N PHE A 98 5.72 8.98 17.27
CA PHE A 98 5.53 7.58 16.94
C PHE A 98 6.80 6.77 17.16
N VAL A 99 7.96 7.37 16.97
CA VAL A 99 9.22 6.66 17.14
C VAL A 99 9.51 6.50 18.62
N ASP A 100 9.76 5.25 19.02
CA ASP A 100 10.09 4.90 20.39
C ASP A 100 11.60 5.08 20.53
N ALA A 101 12.01 6.16 21.19
CA ALA A 101 13.43 6.44 21.31
C ALA A 101 14.14 5.45 22.23
N GLU A 102 13.40 4.76 23.09
CA GLU A 102 14.01 3.84 24.05
C GLU A 102 14.19 2.44 23.47
N HIS A 103 13.12 1.84 22.94
CA HIS A 103 13.21 0.49 22.41
C HIS A 103 13.27 0.44 20.89
N GLY A 104 13.11 1.57 20.20
CA GLY A 104 13.16 1.58 18.76
C GLY A 104 11.82 1.21 18.13
N GLY A 105 11.71 1.44 16.83
CA GLY A 105 10.47 1.16 16.12
C GLY A 105 9.41 2.20 16.43
N VAL A 106 8.20 1.97 15.92
CA VAL A 106 7.12 2.94 16.06
C VAL A 106 5.96 2.31 16.82
N TYR A 107 5.35 3.10 17.69
CA TYR A 107 4.14 2.69 18.39
C TYR A 107 3.00 2.48 17.40
N TRP A 108 2.00 1.71 17.83
CA TRP A 108 0.83 1.43 17.00
C TRP A 108 -0.09 2.64 16.95
N MET A 109 -0.32 3.29 18.10
CA MET A 109 -1.29 4.37 18.20
C MET A 109 -0.82 5.34 19.27
N VAL A 110 -0.98 6.63 19.01
CA VAL A 110 -0.70 7.64 20.00
C VAL A 110 -1.95 8.48 20.20
N ALA A 111 -2.05 9.10 21.37
CA ALA A 111 -3.07 10.11 21.55
C ALA A 111 -2.77 11.29 20.64
N ALA A 112 -3.80 12.12 20.39
CA ALA A 112 -3.63 13.28 19.52
C ALA A 112 -2.45 14.14 19.97
N ASP A 113 -2.25 14.27 21.28
CA ASP A 113 -1.13 15.10 21.75
C ASP A 113 0.20 14.36 21.72
N GLY A 114 0.23 13.13 21.21
CA GLY A 114 1.47 12.41 21.01
C GLY A 114 1.81 11.39 22.07
N ARG A 115 1.08 11.37 23.18
CA ARG A 115 1.33 10.37 24.21
C ARG A 115 1.05 8.97 23.67
N PRO A 116 1.91 8.00 23.94
CA PRO A 116 1.65 6.64 23.48
C PRO A 116 0.38 6.09 24.10
N LEU A 117 -0.47 5.50 23.25
CA LEU A 117 -1.70 4.85 23.68
C LEU A 117 -1.64 3.34 23.53
N ASP A 118 -1.15 2.87 22.39
CA ASP A 118 -0.96 1.45 22.11
C ASP A 118 0.48 1.30 21.67
N THR A 119 1.31 0.71 22.52
CA THR A 119 2.75 0.69 22.31
C THR A 119 3.24 -0.59 21.66
N ARG A 120 2.34 -1.46 21.21
CA ARG A 120 2.79 -2.65 20.51
C ARG A 120 3.59 -2.26 19.28
N LYS A 121 4.55 -3.10 18.94
CA LYS A 121 5.42 -2.96 17.77
C LYS A 121 4.94 -3.98 16.75
N HIS A 122 4.01 -3.57 15.88
CA HIS A 122 3.49 -4.45 14.84
C HIS A 122 4.33 -4.31 13.59
N VAL A 123 4.75 -5.46 13.04
CA VAL A 123 5.66 -5.46 11.90
C VAL A 123 5.03 -4.74 10.71
N TYR A 124 3.70 -4.74 10.62
CA TYR A 124 3.03 -4.01 9.56
C TYR A 124 3.26 -2.52 9.72
N ALA A 125 3.16 -2.03 10.95
CA ALA A 125 3.44 -0.62 11.21
C ALA A 125 4.93 -0.31 11.05
N GLN A 126 5.82 -1.21 11.51
CA GLN A 126 7.25 -1.00 11.31
C GLN A 126 7.58 -0.91 9.83
N SER A 127 6.95 -1.75 9.02
CA SER A 127 7.18 -1.73 7.57
C SER A 127 6.74 -0.39 6.96
N PHE A 128 5.55 0.07 7.31
CA PHE A 128 5.14 1.35 6.74
C PHE A 128 6.04 2.49 7.19
N ALA A 129 6.62 2.40 8.38
CA ALA A 129 7.58 3.41 8.80
C ALA A 129 8.82 3.36 7.90
N ILE A 130 9.35 2.15 7.66
CA ILE A 130 10.49 2.03 6.76
C ILE A 130 10.15 2.56 5.38
N TYR A 131 8.97 2.20 4.88
CA TYR A 131 8.55 2.60 3.54
C TYR A 131 8.50 4.12 3.43
N ALA A 132 7.90 4.78 4.42
CA ALA A 132 7.74 6.22 4.38
C ALA A 132 9.05 6.94 4.63
N LEU A 133 9.83 6.47 5.60
CA LEU A 133 11.10 7.13 5.90
C LEU A 133 12.07 6.99 4.73
N SER A 134 12.08 5.83 4.07
CA SER A 134 12.96 5.67 2.90
C SER A 134 12.51 6.57 1.76
N GLU A 135 11.19 6.74 1.58
CA GLU A 135 10.71 7.64 0.54
C GLU A 135 11.08 9.09 0.86
N TRP A 136 10.94 9.49 2.13
CA TRP A 136 11.35 10.83 2.52
C TRP A 136 12.84 11.04 2.29
N HIS A 137 13.65 10.01 2.57
CA HIS A 137 15.07 10.13 2.23
C HIS A 137 15.27 10.27 0.74
N ARG A 138 14.54 9.48 -0.04
CA ARG A 138 14.64 9.56 -1.49
C ARG A 138 14.25 10.94 -2.01
N ALA A 139 13.32 11.62 -1.33
CA ALA A 139 12.86 12.92 -1.79
C ALA A 139 13.79 14.05 -1.38
N THR A 140 14.49 13.90 -0.25
CA THR A 140 15.26 14.99 0.34
C THR A 140 16.72 14.69 0.58
N GLY A 141 17.14 13.43 0.52
CA GLY A 141 18.50 13.10 0.92
C GLY A 141 18.76 13.14 2.40
N GLY A 142 17.70 13.29 3.21
CA GLY A 142 17.83 13.37 4.65
C GLY A 142 18.48 12.17 5.31
N GLU A 143 19.61 12.42 5.98
CA GLU A 143 20.35 11.32 6.60
C GLU A 143 19.55 10.70 7.74
N ALA A 144 18.90 11.53 8.56
CA ALA A 144 18.22 11.02 9.75
C ALA A 144 17.09 10.07 9.37
N ALA A 145 16.34 10.41 8.32
CA ALA A 145 15.24 9.54 7.87
C ALA A 145 15.76 8.18 7.46
N LEU A 146 16.87 8.13 6.70
CA LEU A 146 17.43 6.84 6.30
C LEU A 146 17.99 6.07 7.49
N ALA A 147 18.69 6.76 8.40
CA ALA A 147 19.19 6.10 9.59
C ALA A 147 18.07 5.47 10.39
N LEU A 148 16.94 6.16 10.51
CA LEU A 148 15.82 5.63 11.26
C LEU A 148 15.22 4.40 10.57
N ALA A 149 15.10 4.46 9.25
CA ALA A 149 14.58 3.31 8.51
C ALA A 149 15.48 2.11 8.70
N ARG A 150 16.80 2.33 8.62
CA ARG A 150 17.73 1.24 8.83
C ARG A 150 17.59 0.63 10.23
N SER A 151 17.39 1.48 11.24
CA SER A 151 17.29 0.94 12.60
C SER A 151 16.03 0.11 12.78
N ILE A 152 14.92 0.49 12.13
CA ILE A 152 13.70 -0.30 12.25
C ILE A 152 13.85 -1.63 11.50
N TYR A 153 14.49 -1.60 10.34
CA TYR A 153 14.83 -2.84 9.63
C TYR A 153 15.64 -3.78 10.52
N ASP A 154 16.66 -3.24 11.20
CA ASP A 154 17.47 -4.07 12.09
C ASP A 154 16.62 -4.67 13.20
N LEU A 155 15.67 -3.90 13.74
CA LEU A 155 14.83 -4.41 14.82
C LEU A 155 13.89 -5.50 14.32
N ILE A 156 13.33 -5.35 13.12
CA ILE A 156 12.48 -6.40 12.56
C ILE A 156 13.28 -7.70 12.45
N GLU A 157 14.49 -7.62 11.89
CA GLU A 157 15.27 -8.81 11.68
C GLU A 157 15.72 -9.41 13.00
N THR A 158 16.09 -8.56 13.95
CA THR A 158 16.60 -9.03 15.25
C THR A 158 15.52 -9.73 16.05
N HIS A 159 14.32 -9.15 16.12
CA HIS A 159 13.31 -9.61 17.05
C HIS A 159 12.18 -10.42 16.42
N CYS A 160 12.04 -10.44 15.08
CA CYS A 160 10.86 -11.03 14.47
C CYS A 160 11.15 -12.08 13.41
N ALA A 161 12.35 -12.13 12.85
CA ALA A 161 12.63 -13.03 11.73
C ALA A 161 12.54 -14.48 12.18
N ASP A 162 11.78 -15.27 11.44
CA ASP A 162 11.74 -16.71 11.67
C ASP A 162 12.75 -17.32 10.70
N ARG A 163 13.92 -17.66 11.22
CA ARG A 163 14.99 -18.10 10.34
C ARG A 163 14.90 -19.58 9.99
N VAL A 164 14.01 -20.32 10.64
CA VAL A 164 13.78 -21.71 10.27
C VAL A 164 12.86 -21.79 9.06
N HIS A 165 11.69 -21.16 9.17
CA HIS A 165 10.59 -21.40 8.23
C HIS A 165 10.34 -20.25 7.29
N GLY A 166 11.04 -19.14 7.44
CA GLY A 166 10.90 -17.99 6.58
C GLY A 166 9.88 -17.01 7.12
N GLY A 167 10.03 -15.75 6.71
CA GLY A 167 9.08 -14.75 7.14
C GLY A 167 9.33 -14.29 8.57
N TYR A 168 8.27 -13.80 9.21
CA TYR A 168 8.40 -12.99 10.41
C TYR A 168 7.23 -13.22 11.36
N VAL A 169 7.56 -13.30 12.66
CA VAL A 169 6.58 -13.00 13.68
C VAL A 169 6.06 -11.59 13.43
N GLU A 170 4.75 -11.38 13.56
CA GLU A 170 4.17 -10.16 13.03
C GLU A 170 3.88 -9.10 14.09
N ALA A 171 3.98 -9.40 15.37
CA ALA A 171 3.63 -8.41 16.38
C ALA A 171 4.40 -8.69 17.66
N CYS A 172 4.96 -7.63 18.24
CA CYS A 172 5.61 -7.67 19.54
C CYS A 172 5.03 -6.60 20.43
N ASP A 173 5.36 -6.68 21.72
CA ASP A 173 4.99 -5.58 22.60
C ASP A 173 6.05 -4.49 22.47
N ARG A 174 5.93 -3.46 23.30
CA ARG A 174 6.78 -2.27 23.17
C ARG A 174 8.26 -2.64 23.21
N ALA A 175 8.63 -3.56 24.09
CA ALA A 175 10.02 -3.97 24.25
C ALA A 175 10.38 -5.15 23.35
N TRP A 176 9.60 -5.38 22.31
CA TRP A 176 9.88 -6.34 21.23
C TRP A 176 9.74 -7.79 21.67
N ARG A 177 8.95 -8.06 22.71
CA ARG A 177 8.64 -9.46 23.01
C ARG A 177 7.43 -9.91 22.21
N PRO A 178 7.50 -11.03 21.49
CA PRO A 178 6.40 -11.44 20.60
C PRO A 178 5.08 -11.55 21.34
N LEU A 179 4.01 -11.21 20.63
CA LEU A 179 2.65 -11.40 21.11
C LEU A 179 1.98 -12.55 20.35
N GLU A 180 0.97 -13.15 20.98
CA GLU A 180 0.20 -14.19 20.33
C GLU A 180 -0.75 -13.60 19.29
N ASP A 181 -1.39 -12.48 19.62
CA ASP A 181 -2.43 -11.90 18.78
C ASP A 181 -1.76 -10.91 17.81
N ALA A 182 -1.51 -11.37 16.59
CA ALA A 182 -0.90 -10.54 15.55
C ALA A 182 -1.93 -9.90 14.64
N ARG A 183 -3.21 -9.96 14.99
CA ARG A 183 -4.23 -9.40 14.12
C ARG A 183 -4.06 -7.89 14.00
N LEU A 184 -4.18 -7.40 12.76
CA LEU A 184 -4.25 -5.97 12.53
C LEU A 184 -5.57 -5.39 12.98
N SER A 185 -6.65 -6.16 12.88
CA SER A 185 -7.99 -5.71 13.24
C SER A 185 -8.83 -6.94 13.52
N ALA A 186 -10.09 -6.71 13.92
CA ALA A 186 -11.01 -7.81 14.17
C ALA A 186 -11.37 -8.56 12.89
N LYS A 187 -11.13 -7.97 11.72
CA LYS A 187 -11.40 -8.66 10.46
C LYS A 187 -10.42 -9.80 10.21
N ASP A 188 -9.26 -9.78 10.85
CA ASP A 188 -8.17 -10.67 10.46
C ASP A 188 -8.23 -11.97 11.23
N ALA A 189 -7.85 -13.05 10.56
CA ALA A 189 -7.84 -14.36 11.17
C ALA A 189 -6.80 -14.41 12.30
N PRO A 190 -7.10 -15.07 13.42
CA PRO A 190 -6.12 -15.18 14.52
C PRO A 190 -5.08 -16.27 14.25
N GLU A 191 -4.25 -16.03 13.24
CA GLU A 191 -3.22 -16.93 12.79
C GLU A 191 -1.85 -16.27 12.90
N PRO A 192 -0.76 -17.06 13.01
CA PRO A 192 0.54 -16.45 13.25
C PRO A 192 1.18 -15.79 12.02
N ARG A 193 0.74 -16.10 10.81
CA ARG A 193 1.35 -15.54 9.62
C ARG A 193 0.26 -15.03 8.70
N SER A 194 0.49 -13.87 8.10
CA SER A 194 -0.48 -13.31 7.19
C SER A 194 0.23 -12.80 5.94
N MET A 195 -0.41 -13.00 4.80
CA MET A 195 0.10 -12.42 3.56
C MET A 195 0.22 -10.91 3.68
N ASN A 196 -0.80 -10.29 4.29
CA ASN A 196 -0.87 -8.82 4.31
C ASN A 196 0.36 -8.21 4.97
N THR A 197 0.74 -8.70 6.14
CA THR A 197 1.89 -8.12 6.79
C THR A 197 3.16 -8.43 6.00
N HIS A 198 3.26 -9.63 5.45
CA HIS A 198 4.46 -9.98 4.70
C HIS A 198 4.55 -9.20 3.39
N LEU A 199 3.41 -8.87 2.79
CA LEU A 199 3.42 -8.06 1.58
C LEU A 199 4.00 -6.67 1.87
N HIS A 200 3.64 -6.09 3.01
CA HIS A 200 4.16 -4.76 3.27
C HIS A 200 5.57 -4.77 3.84
N VAL A 201 6.04 -5.88 4.43
CA VAL A 201 7.48 -6.02 4.66
C VAL A 201 8.22 -5.95 3.34
N LEU A 202 7.76 -6.72 2.35
CA LEU A 202 8.41 -6.73 1.05
C LEU A 202 8.40 -5.34 0.45
N GLU A 203 7.25 -4.66 0.51
CA GLU A 203 7.12 -3.32 -0.02
C GLU A 203 8.12 -2.36 0.64
N ALA A 204 8.22 -2.42 1.97
CA ALA A 204 9.15 -1.56 2.71
C ALA A 204 10.59 -1.88 2.35
N TYR A 205 10.93 -3.17 2.29
CA TYR A 205 12.31 -3.56 2.06
C TYR A 205 12.76 -3.18 0.66
N ALA A 206 11.85 -3.27 -0.32
CA ALA A 206 12.17 -2.86 -1.67
C ALA A 206 12.47 -1.37 -1.73
N ASN A 207 11.67 -0.55 -1.05
CA ASN A 207 11.94 0.88 -1.05
C ASN A 207 13.21 1.22 -0.29
N LEU A 208 13.48 0.51 0.81
CA LEU A 208 14.72 0.74 1.53
C LEU A 208 15.92 0.36 0.70
N TYR A 209 15.83 -0.77 -0.01
CA TYR A 209 16.94 -1.21 -0.83
C TYR A 209 17.25 -0.23 -1.94
N ARG A 210 16.23 0.43 -2.48
CA ARG A 210 16.46 1.38 -3.56
C ARG A 210 17.36 2.53 -3.11
N VAL A 211 17.27 2.93 -1.84
CA VAL A 211 18.10 4.01 -1.34
C VAL A 211 19.27 3.51 -0.51
N TRP A 212 19.33 2.21 -0.22
CA TRP A 212 20.35 1.65 0.65
C TRP A 212 20.58 0.20 0.25
N PRO A 213 21.36 -0.04 -0.80
CA PRO A 213 21.47 -1.39 -1.38
C PRO A 213 22.42 -2.30 -0.61
N GLU A 214 22.08 -2.55 0.66
CA GLU A 214 22.91 -3.38 1.51
C GLU A 214 22.80 -4.85 1.13
N THR A 215 23.93 -5.56 1.19
CA THR A 215 23.97 -6.95 0.73
C THR A 215 23.02 -7.85 1.51
N GLU A 216 23.03 -7.75 2.84
CA GLU A 216 22.14 -8.58 3.65
C GLU A 216 20.68 -8.26 3.36
N LEU A 217 20.36 -6.98 3.17
CA LEU A 217 18.98 -6.61 2.85
C LEU A 217 18.55 -7.21 1.51
N ALA A 218 19.46 -7.25 0.54
CA ALA A 218 19.15 -7.91 -0.72
C ALA A 218 18.76 -9.36 -0.48
N ALA A 219 19.47 -10.04 0.43
CA ALA A 219 19.15 -11.44 0.71
C ALA A 219 17.80 -11.58 1.41
N ARG A 220 17.50 -10.67 2.33
CA ARG A 220 16.19 -10.70 3.01
C ARG A 220 15.06 -10.40 2.03
N LEU A 221 15.29 -9.44 1.13
CA LEU A 221 14.27 -9.11 0.14
C LEU A 221 14.04 -10.27 -0.82
N GLN A 222 15.12 -10.87 -1.33
CA GLN A 222 14.97 -12.03 -2.19
C GLN A 222 14.25 -13.17 -1.48
N ALA A 223 14.55 -13.38 -0.20
CA ALA A 223 13.89 -14.45 0.55
C ALA A 223 12.39 -14.18 0.64
N LEU A 224 11.99 -12.91 0.77
CA LEU A 224 10.56 -12.59 0.82
C LEU A 224 9.89 -12.84 -0.52
N ILE A 225 10.54 -12.45 -1.62
CA ILE A 225 10.00 -12.76 -2.94
C ILE A 225 9.84 -14.27 -3.09
N GLU A 226 10.88 -15.02 -2.70
CA GLU A 226 10.82 -16.47 -2.81
C GLU A 226 9.73 -17.04 -1.94
N LEU A 227 9.50 -16.45 -0.76
CA LEU A 227 8.41 -16.91 0.09
C LEU A 227 7.07 -16.71 -0.58
N PHE A 228 6.85 -15.56 -1.20
CA PHE A 228 5.60 -15.35 -1.91
C PHE A 228 5.40 -16.38 -3.00
N LEU A 229 6.46 -16.68 -3.76
CA LEU A 229 6.33 -17.62 -4.87
C LEU A 229 6.09 -19.04 -4.40
N ARG A 230 6.67 -19.43 -3.27
CA ARG A 230 6.62 -20.81 -2.83
C ARG A 230 5.44 -21.07 -1.89
N ALA A 231 5.05 -20.09 -1.08
CA ALA A 231 4.08 -20.36 -0.02
C ALA A 231 2.78 -19.57 -0.13
N ILE A 232 2.80 -18.38 -0.69
CA ILE A 232 1.65 -17.48 -0.58
C ILE A 232 0.83 -17.46 -1.86
N TYR A 233 1.50 -17.26 -3.00
CA TYR A 233 0.85 -17.36 -4.29
C TYR A 233 0.43 -18.81 -4.54
N HIS A 234 -0.82 -18.99 -4.97
CA HIS A 234 -1.38 -20.33 -5.19
C HIS A 234 -1.57 -20.52 -6.68
N PRO A 235 -0.68 -21.23 -7.36
CA PRO A 235 -0.80 -21.33 -8.82
C PRO A 235 -2.07 -22.01 -9.29
N ALA A 236 -2.72 -22.82 -8.44
CA ALA A 236 -3.94 -23.49 -8.88
C ALA A 236 -5.11 -22.52 -9.01
N THR A 237 -5.07 -21.39 -8.31
CA THR A 237 -6.20 -20.47 -8.31
C THR A 237 -5.85 -19.07 -8.77
N GLY A 238 -4.58 -18.70 -8.84
CA GLY A 238 -4.22 -17.34 -9.18
C GLY A 238 -4.52 -16.33 -8.09
N HIS A 239 -4.68 -16.77 -6.85
CA HIS A 239 -4.92 -15.88 -5.72
C HIS A 239 -3.85 -16.09 -4.66
N LEU A 240 -3.66 -15.05 -3.86
CA LEU A 240 -2.85 -15.17 -2.65
C LEU A 240 -3.62 -15.87 -1.55
N ILE A 241 -2.95 -16.77 -0.87
CA ILE A 241 -3.45 -17.32 0.39
C ILE A 241 -3.21 -16.30 1.49
N LEU A 242 -4.21 -16.08 2.34
CA LEU A 242 -4.17 -14.90 3.20
C LEU A 242 -3.54 -15.16 4.57
N PHE A 243 -3.72 -16.35 5.15
CA PHE A 243 -3.25 -16.62 6.50
C PHE A 243 -2.68 -18.02 6.60
N PHE A 244 -1.74 -18.21 7.53
CA PHE A 244 -0.94 -19.42 7.59
C PHE A 244 -0.55 -19.70 9.04
N ASP A 245 -0.12 -20.94 9.30
CA ASP A 245 0.60 -21.19 10.55
C ASP A 245 2.07 -20.83 10.33
N GLU A 246 2.91 -21.13 11.33
CA GLU A 246 4.32 -20.73 11.28
C GLU A 246 5.13 -21.46 10.22
N ARG A 247 4.66 -22.62 9.75
CA ARG A 247 5.34 -23.33 8.69
C ARG A 247 4.71 -23.05 7.34
N TRP A 248 3.88 -22.00 7.26
CA TRP A 248 3.24 -21.57 6.03
C TRP A 248 2.23 -22.59 5.52
N ARG A 249 1.65 -23.38 6.43
CA ARG A 249 0.51 -24.19 6.05
C ARG A 249 -0.71 -23.28 5.93
N PRO A 250 -1.48 -23.38 4.85
CA PRO A 250 -2.63 -22.48 4.69
C PRO A 250 -3.63 -22.62 5.83
N ARG A 251 -4.07 -21.47 6.34
CA ARG A 251 -5.07 -21.43 7.41
C ARG A 251 -6.26 -20.57 7.01
N SER A 252 -6.45 -20.33 5.71
N SER A 252 -6.46 -20.36 5.72
CA SER A 252 -7.57 -19.53 5.22
CA SER A 252 -7.59 -19.58 5.23
C SER A 252 -7.86 -19.96 3.79
C SER A 252 -7.88 -19.99 3.79
N ARG A 253 -9.11 -19.75 3.37
CA ARG A 253 -9.48 -19.93 1.98
C ARG A 253 -10.04 -18.66 1.36
N ALA A 254 -10.07 -17.55 2.11
CA ALA A 254 -10.60 -16.30 1.60
C ALA A 254 -9.72 -15.76 0.48
N VAL A 255 -10.32 -14.91 -0.33
CA VAL A 255 -9.63 -14.30 -1.46
C VAL A 255 -9.79 -12.79 -1.34
N SER A 256 -8.68 -12.06 -1.49
CA SER A 256 -8.70 -10.60 -1.48
C SER A 256 -8.24 -10.13 -2.85
N PHE A 257 -9.19 -9.69 -3.68
CA PHE A 257 -8.85 -9.28 -5.03
C PHE A 257 -7.91 -8.07 -5.03
N GLY A 258 -8.12 -7.13 -4.11
CA GLY A 258 -7.26 -5.97 -4.05
C GLY A 258 -5.83 -6.31 -3.71
N HIS A 259 -5.63 -7.27 -2.79
CA HIS A 259 -4.27 -7.68 -2.45
C HIS A 259 -3.63 -8.44 -3.59
N ASP A 260 -4.42 -9.26 -4.31
CA ASP A 260 -3.89 -9.98 -5.47
C ASP A 260 -3.32 -9.00 -6.48
N ILE A 261 -4.10 -7.98 -6.83
CA ILE A 261 -3.67 -7.09 -7.91
C ILE A 261 -2.59 -6.13 -7.40
N GLU A 262 -2.59 -5.78 -6.11
CA GLU A 262 -1.49 -5.03 -5.51
C GLU A 262 -0.20 -5.83 -5.55
N ALA A 263 -0.25 -7.08 -5.10
CA ALA A 263 0.94 -7.91 -5.10
C ALA A 263 1.44 -8.14 -6.51
N SER A 264 0.53 -8.23 -7.48
N SER A 264 0.53 -8.14 -7.49
CA SER A 264 0.93 -8.43 -8.86
CA SER A 264 0.91 -8.43 -8.87
C SER A 264 2.03 -7.44 -9.25
C SER A 264 1.88 -7.40 -9.44
N TRP A 265 1.82 -6.15 -8.98
CA TRP A 265 2.82 -5.18 -9.40
C TRP A 265 3.91 -4.96 -8.36
N LEU A 266 3.62 -5.12 -7.06
CA LEU A 266 4.66 -4.93 -6.06
C LEU A 266 5.74 -6.00 -6.15
N LEU A 267 5.35 -7.24 -6.44
CA LEU A 267 6.35 -8.31 -6.52
C LEU A 267 7.35 -8.03 -7.63
N LEU A 268 6.88 -7.51 -8.76
CA LEU A 268 7.77 -7.17 -9.86
C LEU A 268 8.61 -5.95 -9.52
N GLU A 269 8.03 -4.97 -8.83
CA GLU A 269 8.85 -3.85 -8.37
C GLU A 269 10.00 -4.34 -7.51
N ALA A 270 9.72 -5.30 -6.62
CA ALA A 270 10.74 -5.79 -5.69
C ALA A 270 11.85 -6.52 -6.43
N VAL A 271 11.50 -7.41 -7.38
N VAL A 271 11.51 -7.41 -7.38
CA VAL A 271 12.53 -8.14 -8.11
CA VAL A 271 12.54 -8.13 -8.10
C VAL A 271 13.37 -7.19 -8.95
C VAL A 271 13.38 -7.18 -8.94
N ASP A 272 12.74 -6.14 -9.51
CA ASP A 272 13.49 -5.20 -10.35
C ASP A 272 14.40 -4.30 -9.52
N VAL A 273 13.99 -3.96 -8.30
CA VAL A 273 14.86 -3.20 -7.42
C VAL A 273 16.12 -4.00 -7.12
N LEU A 274 15.97 -5.32 -6.92
CA LEU A 274 17.10 -6.21 -6.74
C LEU A 274 17.93 -6.37 -8.01
N GLY A 275 17.33 -6.12 -9.17
CA GLY A 275 17.96 -6.52 -10.43
C GLY A 275 18.12 -8.02 -10.57
N GLN A 276 17.21 -8.80 -9.97
CA GLN A 276 17.35 -10.24 -9.88
C GLN A 276 16.74 -10.88 -11.12
N ALA A 277 17.51 -10.85 -12.21
CA ALA A 277 17.00 -11.29 -13.51
C ALA A 277 16.71 -12.79 -13.54
N THR A 278 17.35 -13.58 -12.68
CA THR A 278 17.08 -15.01 -12.66
C THR A 278 15.72 -15.33 -12.06
N LEU A 279 15.31 -14.55 -11.05
CA LEU A 279 14.01 -14.70 -10.41
C LEU A 279 12.87 -14.08 -11.23
N ARG A 280 13.18 -13.11 -12.07
CA ARG A 280 12.11 -12.35 -12.70
C ARG A 280 11.13 -13.20 -13.52
N PRO A 281 11.57 -14.19 -14.32
CA PRO A 281 10.58 -14.97 -15.08
C PRO A 281 9.47 -15.56 -14.21
N ARG A 282 9.84 -16.19 -13.10
CA ARG A 282 8.82 -16.80 -12.23
C ARG A 282 7.94 -15.74 -11.60
N VAL A 283 8.51 -14.59 -11.25
CA VAL A 283 7.71 -13.53 -10.65
C VAL A 283 6.75 -12.93 -11.66
N GLN A 284 7.23 -12.67 -12.88
CA GLN A 284 6.34 -12.15 -13.92
C GLN A 284 5.20 -13.10 -14.19
N GLN A 285 5.48 -14.40 -14.21
CA GLN A 285 4.45 -15.40 -14.44
C GLN A 285 3.40 -15.34 -13.36
N ALA A 286 3.83 -15.33 -12.08
CA ALA A 286 2.88 -15.23 -10.98
C ALA A 286 2.15 -13.89 -11.01
N SER A 287 2.88 -12.82 -11.33
N SER A 287 2.88 -12.82 -11.34
CA SER A 287 2.27 -11.49 -11.40
CA SER A 287 2.27 -11.49 -11.40
C SER A 287 1.18 -11.43 -12.45
C SER A 287 1.19 -11.42 -12.45
N LEU A 288 1.46 -11.91 -13.66
CA LEU A 288 0.45 -11.89 -14.70
C LEU A 288 -0.72 -12.79 -14.35
N HIS A 289 -0.46 -13.90 -13.66
CA HIS A 289 -1.53 -14.80 -13.24
C HIS A 289 -2.46 -14.11 -12.26
N LEU A 290 -1.89 -13.47 -11.24
CA LEU A 290 -2.70 -12.71 -10.29
C LEU A 290 -3.53 -11.65 -11.01
N ALA A 291 -2.95 -10.98 -12.00
CA ALA A 291 -3.71 -9.96 -12.71
C ALA A 291 -4.84 -10.58 -13.52
N ARG A 292 -4.58 -11.69 -14.21
CA ARG A 292 -5.63 -12.37 -14.97
C ARG A 292 -6.73 -12.91 -14.05
N ALA A 293 -6.33 -13.50 -12.92
CA ALA A 293 -7.36 -14.01 -12.01
C ALA A 293 -8.24 -12.88 -11.50
N THR A 294 -7.63 -11.72 -11.22
CA THR A 294 -8.40 -10.55 -10.80
C THR A 294 -9.34 -10.10 -11.91
N LEU A 295 -8.81 -10.00 -13.13
CA LEU A 295 -9.61 -9.64 -14.29
C LEU A 295 -10.84 -10.53 -14.43
N ALA A 296 -10.65 -11.84 -14.28
CA ALA A 296 -11.71 -12.81 -14.59
C ALA A 296 -12.68 -13.03 -13.44
N GLU A 297 -12.23 -12.83 -12.21
CA GLU A 297 -13.02 -13.23 -11.05
C GLU A 297 -13.32 -12.11 -10.08
N GLY A 298 -12.56 -11.03 -10.12
CA GLY A 298 -12.69 -10.02 -9.08
C GLY A 298 -13.44 -8.79 -9.49
N ARG A 299 -14.00 -8.76 -10.69
CA ARG A 299 -14.55 -7.54 -11.25
C ARG A 299 -16.07 -7.62 -11.40
N ALA A 300 -16.70 -6.49 -11.15
CA ALA A 300 -18.08 -6.25 -11.50
C ALA A 300 -18.17 -5.93 -12.99
N PRO A 301 -19.38 -5.98 -13.57
CA PRO A 301 -19.49 -5.67 -15.00
C PRO A 301 -19.07 -4.25 -15.35
N ASP A 302 -19.06 -3.33 -14.39
CA ASP A 302 -18.55 -1.99 -14.66
C ASP A 302 -17.03 -1.91 -14.59
N GLY A 303 -16.34 -3.01 -14.30
CA GLY A 303 -14.90 -3.03 -14.24
C GLY A 303 -14.31 -2.72 -12.89
N SER A 304 -15.13 -2.31 -11.92
CA SER A 304 -14.63 -2.11 -10.57
C SER A 304 -14.33 -3.46 -9.92
N LEU A 305 -13.58 -3.42 -8.82
CA LEU A 305 -13.20 -4.63 -8.12
C LEU A 305 -14.11 -4.87 -6.92
N TYR A 306 -14.60 -6.09 -6.80
CA TYR A 306 -15.25 -6.54 -5.58
C TYR A 306 -14.23 -6.59 -4.43
N TYR A 307 -14.72 -6.76 -3.20
CA TYR A 307 -13.83 -6.67 -2.05
C TYR A 307 -13.14 -7.99 -1.71
N GLU A 308 -13.91 -9.06 -1.59
CA GLU A 308 -13.31 -10.32 -1.16
C GLU A 308 -14.29 -11.44 -1.44
N ILE A 309 -13.76 -12.66 -1.40
CA ILE A 309 -14.55 -13.85 -1.14
C ILE A 309 -14.17 -14.29 0.26
N GLY A 310 -15.14 -14.36 1.15
CA GLY A 310 -14.86 -14.66 2.53
C GLY A 310 -14.59 -16.14 2.76
N GLU A 311 -14.34 -16.47 4.03
CA GLU A 311 -13.99 -17.84 4.40
C GLU A 311 -15.11 -18.83 4.10
N GLN A 312 -16.36 -18.39 4.15
CA GLN A 312 -17.47 -19.26 3.81
C GLN A 312 -17.89 -19.14 2.35
N GLY A 313 -17.16 -18.39 1.55
CA GLY A 313 -17.43 -18.27 0.14
C GLY A 313 -18.24 -17.06 -0.27
N HIS A 314 -18.71 -16.25 0.68
CA HIS A 314 -19.56 -15.12 0.33
C HIS A 314 -18.76 -14.06 -0.41
N LEU A 315 -19.31 -13.62 -1.54
CA LEU A 315 -18.74 -12.52 -2.30
C LEU A 315 -19.18 -11.20 -1.67
N ASP A 316 -18.22 -10.41 -1.19
CA ASP A 316 -18.50 -9.06 -0.70
C ASP A 316 -18.37 -8.15 -1.92
N THR A 317 -19.51 -7.61 -2.37
CA THR A 317 -19.55 -6.84 -3.61
C THR A 317 -19.32 -5.37 -3.37
N ASP A 318 -19.08 -4.95 -2.14
CA ASP A 318 -18.72 -3.57 -1.86
C ASP A 318 -17.46 -3.21 -2.63
N ARG A 319 -17.46 -1.98 -3.16
CA ARG A 319 -16.28 -1.41 -3.81
C ARG A 319 -15.56 -0.57 -2.76
N HIS A 320 -14.50 -1.13 -2.19
CA HIS A 320 -13.66 -0.34 -1.31
C HIS A 320 -12.73 0.52 -2.15
N TRP A 321 -12.29 1.64 -1.59
CA TRP A 321 -11.55 2.58 -2.41
C TRP A 321 -10.21 2.00 -2.87
N TRP A 322 -9.53 1.27 -1.99
CA TRP A 322 -8.14 0.94 -2.28
C TRP A 322 -7.98 -0.22 -3.28
N PRO A 323 -8.89 -1.21 -3.37
CA PRO A 323 -8.73 -2.16 -4.48
C PRO A 323 -8.87 -1.50 -5.83
N GLN A 324 -9.66 -0.44 -5.95
CA GLN A 324 -9.77 0.23 -7.24
C GLN A 324 -8.44 0.90 -7.59
N ALA A 325 -7.85 1.58 -6.62
CA ALA A 325 -6.54 2.21 -6.82
C ALA A 325 -5.51 1.16 -7.21
N GLU A 326 -5.47 0.04 -6.48
CA GLU A 326 -4.46 -0.96 -6.75
C GLU A 326 -4.70 -1.63 -8.09
N ALA A 327 -5.96 -1.72 -8.52
CA ALA A 327 -6.25 -2.27 -9.84
C ALA A 327 -5.82 -1.33 -10.95
N LEU A 328 -5.96 -0.02 -10.73
CA LEU A 328 -5.44 0.93 -11.72
C LEU A 328 -3.96 0.66 -11.98
N VAL A 329 -3.18 0.53 -10.92
CA VAL A 329 -1.75 0.30 -11.12
C VAL A 329 -1.51 -1.09 -11.66
N GLY A 330 -2.15 -2.09 -11.06
CA GLY A 330 -1.84 -3.47 -11.41
C GLY A 330 -2.24 -3.80 -12.84
N PHE A 331 -3.36 -3.24 -13.31
CA PHE A 331 -3.75 -3.47 -14.69
C PHE A 331 -2.86 -2.72 -15.67
N LEU A 332 -2.48 -1.48 -15.35
CA LEU A 332 -1.50 -0.80 -16.20
C LEU A 332 -0.19 -1.58 -16.21
N ASN A 333 0.24 -2.07 -15.04
CA ASN A 333 1.47 -2.84 -14.97
C ASN A 333 1.37 -4.11 -15.81
N ALA A 334 0.24 -4.81 -15.74
CA ALA A 334 0.11 -6.02 -16.51
C ALA A 334 0.14 -5.73 -18.00
N TYR A 335 -0.43 -4.61 -18.41
CA TYR A 335 -0.31 -4.17 -19.80
C TYR A 335 1.15 -3.96 -20.17
N GLN A 336 1.90 -3.28 -19.31
CA GLN A 336 3.31 -3.01 -19.63
C GLN A 336 4.10 -4.30 -19.71
N GLU A 337 3.81 -5.26 -18.83
CA GLU A 337 4.58 -6.50 -18.81
C GLU A 337 4.25 -7.40 -20.00
N SER A 338 2.97 -7.49 -20.35
CA SER A 338 2.52 -8.50 -21.32
C SER A 338 2.28 -7.92 -22.71
N GLY A 339 2.12 -6.60 -22.82
CA GLY A 339 1.69 -6.00 -24.07
C GLY A 339 0.25 -6.26 -24.42
N GLU A 340 -0.53 -6.90 -23.55
CA GLU A 340 -1.90 -7.28 -23.87
C GLU A 340 -2.81 -6.11 -23.53
N VAL A 341 -3.37 -5.48 -24.57
CA VAL A 341 -4.09 -4.24 -24.38
C VAL A 341 -5.40 -4.44 -23.61
N LEU A 342 -5.87 -5.68 -23.47
CA LEU A 342 -7.02 -5.94 -22.61
C LEU A 342 -6.77 -5.43 -21.18
N PHE A 343 -5.51 -5.44 -20.74
CA PHE A 343 -5.21 -4.91 -19.41
C PHE A 343 -5.31 -3.40 -19.37
N TYR A 344 -4.94 -2.73 -20.47
CA TYR A 344 -5.14 -1.29 -20.52
C TYR A 344 -6.63 -0.95 -20.48
N GLU A 345 -7.42 -1.69 -21.26
CA GLU A 345 -8.87 -1.50 -21.24
C GLU A 345 -9.43 -1.69 -19.84
N ALA A 346 -8.90 -2.68 -19.10
CA ALA A 346 -9.34 -2.89 -17.73
C ALA A 346 -8.94 -1.73 -16.83
N ALA A 347 -7.73 -1.19 -17.01
CA ALA A 347 -7.30 -0.04 -16.24
C ALA A 347 -8.19 1.15 -16.53
N GLU A 348 -8.53 1.36 -17.80
CA GLU A 348 -9.41 2.47 -18.16
C GLU A 348 -10.77 2.31 -17.51
N ASP A 349 -11.30 1.08 -17.50
CA ASP A 349 -12.61 0.84 -16.91
C ASP A 349 -12.61 1.12 -15.42
N VAL A 350 -11.57 0.67 -14.71
CA VAL A 350 -11.56 0.95 -13.27
C VAL A 350 -11.39 2.45 -13.03
N TRP A 351 -10.63 3.14 -13.89
CA TRP A 351 -10.51 4.59 -13.74
C TRP A 351 -11.85 5.27 -13.92
N ARG A 352 -12.60 4.87 -14.95
CA ARG A 352 -13.92 5.44 -15.15
C ARG A 352 -14.81 5.18 -13.94
N TYR A 353 -14.71 3.99 -13.35
CA TYR A 353 -15.47 3.74 -12.13
C TYR A 353 -15.01 4.66 -11.00
N ILE A 354 -13.69 4.83 -10.85
CA ILE A 354 -13.19 5.72 -9.82
C ILE A 354 -13.77 7.13 -10.01
N ARG A 355 -13.77 7.61 -11.25
CA ARG A 355 -14.21 8.97 -11.51
C ARG A 355 -15.72 9.12 -11.36
N GLU A 356 -16.48 8.09 -11.75
CA GLU A 356 -17.92 8.23 -11.76
C GLU A 356 -18.58 7.77 -10.46
N ARG A 357 -17.90 6.95 -9.66
CA ARG A 357 -18.56 6.39 -8.47
C ARG A 357 -17.71 6.49 -7.21
N GLN A 358 -16.42 6.18 -7.28
CA GLN A 358 -15.65 6.10 -6.04
C GLN A 358 -15.25 7.47 -5.51
N ARG A 359 -14.87 8.39 -6.38
CA ARG A 359 -14.48 9.70 -5.88
C ARG A 359 -15.72 10.44 -5.38
N ASP A 360 -15.52 11.25 -4.33
CA ASP A 360 -16.58 12.04 -3.74
C ASP A 360 -16.39 13.47 -4.24
N THR A 361 -17.09 13.80 -5.33
CA THR A 361 -16.92 15.12 -5.92
C THR A 361 -17.42 16.22 -4.99
N ARG A 362 -18.50 15.96 -4.25
CA ARG A 362 -19.05 17.01 -3.39
C ARG A 362 -18.17 17.21 -2.15
N GLY A 363 -17.85 16.13 -1.45
CA GLY A 363 -17.08 16.22 -0.21
C GLY A 363 -15.58 16.12 -0.35
N GLY A 364 -15.07 15.78 -1.53
CA GLY A 364 -13.64 15.66 -1.71
C GLY A 364 -13.12 14.27 -1.37
N GLU A 365 -11.92 13.98 -1.88
CA GLU A 365 -11.29 12.67 -1.73
C GLU A 365 -12.16 11.58 -2.34
N TRP A 366 -12.00 10.36 -1.87
CA TRP A 366 -12.74 9.20 -2.37
C TRP A 366 -13.55 8.58 -1.24
N PHE A 367 -14.75 8.13 -1.57
CA PHE A 367 -15.52 7.31 -0.62
C PHE A 367 -14.74 6.06 -0.24
N ALA A 368 -14.78 5.71 1.04
CA ALA A 368 -14.14 4.46 1.45
C ALA A 368 -14.80 3.26 0.78
N ARG A 369 -16.14 3.26 0.70
CA ARG A 369 -16.88 2.13 0.18
C ARG A 369 -18.10 2.58 -0.62
N VAL A 370 -18.32 1.94 -1.75
CA VAL A 370 -19.55 2.12 -2.52
C VAL A 370 -20.24 0.78 -2.63
N ARG A 371 -21.54 0.75 -2.33
CA ARG A 371 -22.32 -0.49 -2.43
C ARG A 371 -22.57 -0.88 -3.88
N ASP A 372 -22.93 -2.14 -4.07
CA ASP A 372 -23.12 -2.70 -5.40
C ASP A 372 -24.18 -1.95 -6.21
N ASP A 373 -25.15 -1.33 -5.53
CA ASP A 373 -26.16 -0.56 -6.23
C ASP A 373 -25.73 0.88 -6.48
N GLY A 374 -24.51 1.27 -6.09
CA GLY A 374 -24.03 2.62 -6.33
C GLY A 374 -24.09 3.53 -5.12
N ALA A 375 -24.70 3.09 -4.03
CA ALA A 375 -24.85 3.94 -2.86
C ALA A 375 -23.55 4.04 -2.08
N PRO A 376 -22.99 5.24 -1.90
CA PRO A 376 -21.83 5.38 -1.02
C PRO A 376 -22.23 5.10 0.42
N TYR A 377 -21.40 4.34 1.11
CA TYR A 377 -21.58 4.18 2.55
C TYR A 377 -21.13 5.43 3.29
N PRO A 378 -21.76 5.75 4.43
CA PRO A 378 -21.35 6.89 5.25
C PRO A 378 -20.16 6.59 6.17
N ASP A 379 -19.08 6.07 5.59
CA ASP A 379 -17.87 5.78 6.33
C ASP A 379 -17.05 7.05 6.53
N ASP A 380 -16.15 6.99 7.52
CA ASP A 380 -15.19 8.06 7.67
C ASP A 380 -14.39 8.25 6.38
N LYS A 381 -14.03 9.51 6.12
CA LYS A 381 -13.18 9.83 4.98
C LYS A 381 -11.72 9.62 5.28
N VAL A 382 -11.35 9.74 6.55
CA VAL A 382 -9.99 9.52 7.01
C VAL A 382 -10.12 8.77 8.32
N ASP A 383 -9.34 7.71 8.49
CA ASP A 383 -9.30 7.04 9.78
C ASP A 383 -8.03 6.19 9.84
N PHE A 384 -7.94 5.35 10.87
CA PHE A 384 -6.76 4.52 11.09
C PHE A 384 -6.31 3.83 9.82
N TRP A 385 -7.26 3.38 9.00
CA TRP A 385 -6.98 2.54 7.85
C TRP A 385 -7.16 3.27 6.52
N LYS A 386 -7.52 4.54 6.51
CA LYS A 386 -7.77 5.24 5.25
C LYS A 386 -6.90 6.48 5.22
N GLY A 387 -5.81 6.41 4.46
CA GLY A 387 -4.89 7.51 4.30
C GLY A 387 -4.86 7.92 2.85
N PRO A 388 -3.83 8.66 2.44
CA PRO A 388 -3.68 9.08 1.04
C PRO A 388 -2.79 8.17 0.20
N TYR A 389 -2.39 7.04 0.74
CA TYR A 389 -1.32 6.25 0.14
C TYR A 389 -1.82 5.40 -1.02
N HIS A 390 -2.86 4.59 -0.81
CA HIS A 390 -3.31 3.74 -1.91
C HIS A 390 -3.72 4.57 -3.12
N ASN A 391 -4.57 5.57 -2.92
CA ASN A 391 -5.02 6.31 -4.09
C ASN A 391 -3.99 7.34 -4.55
N GLY A 392 -3.23 7.93 -3.62
CA GLY A 392 -2.16 8.81 -4.03
C GLY A 392 -1.09 8.09 -4.83
N ARG A 393 -0.62 6.95 -4.30
CA ARG A 393 0.37 6.16 -5.02
C ARG A 393 -0.16 5.69 -6.36
N ALA A 394 -1.42 5.27 -6.40
CA ALA A 394 -1.96 4.76 -7.66
C ALA A 394 -1.94 5.84 -8.74
N CYS A 395 -2.26 7.08 -8.37
CA CYS A 395 -2.21 8.17 -9.34
C CYS A 395 -0.79 8.47 -9.76
N LEU A 396 0.13 8.50 -8.79
CA LEU A 396 1.53 8.75 -9.13
C LEU A 396 2.06 7.67 -10.05
N GLU A 397 1.77 6.40 -9.73
CA GLU A 397 2.24 5.30 -10.58
C GLU A 397 1.66 5.40 -11.98
N ALA A 398 0.34 5.62 -12.08
CA ALA A 398 -0.28 5.71 -13.38
C ALA A 398 0.34 6.83 -14.21
N ILE A 399 0.57 7.99 -13.58
CA ILE A 399 1.13 9.14 -14.31
C ILE A 399 2.48 8.78 -14.90
N GLN A 400 3.33 8.11 -14.11
CA GLN A 400 4.67 7.73 -14.58
C GLN A 400 4.61 6.61 -15.62
N ARG A 401 3.73 5.64 -15.42
CA ARG A 401 3.62 4.58 -16.40
C ARG A 401 3.06 5.09 -17.72
N LEU A 402 2.07 5.99 -17.66
CA LEU A 402 1.55 6.58 -18.89
C LEU A 402 2.61 7.44 -19.57
N ARG A 403 3.45 8.11 -18.77
CA ARG A 403 4.56 8.88 -19.34
C ARG A 403 5.48 7.97 -20.13
N HIS A 404 5.84 6.82 -19.56
CA HIS A 404 6.70 5.87 -20.27
C HIS A 404 6.03 5.39 -21.55
N LEU A 405 4.75 5.00 -21.46
CA LEU A 405 4.05 4.56 -22.66
C LEU A 405 4.00 5.65 -23.71
N LEU A 406 3.80 6.91 -23.29
CA LEU A 406 3.75 8.00 -24.27
C LEU A 406 5.08 8.15 -24.99
N GLU A 407 6.18 7.73 -24.37
CA GLU A 407 7.50 7.84 -24.99
C GLU A 407 7.86 6.67 -25.90
N HIS A 408 6.94 5.74 -26.12
CA HIS A 408 7.15 4.71 -27.13
C HIS A 408 6.98 5.23 -28.55
N VAL A 409 6.42 6.43 -28.72
CA VAL A 409 6.08 6.95 -30.04
C VAL A 409 7.20 7.81 -30.59
#